data_3NIB
#
_entry.id   3NIB
#
_cell.length_a   112.194
_cell.length_b   112.194
_cell.length_c   74.807
_cell.angle_alpha   90.00
_cell.angle_beta   90.00
_cell.angle_gamma   120.00
#
_symmetry.space_group_name_H-M   'P 31 2 1'
#
loop_
_entity.id
_entity.type
_entity.pdbx_description
1 polymer Teg14
2 non-polymer '2-[N-CYCLOHEXYLAMINO]ETHANE SULFONIC ACID'
3 non-polymer GLYCEROL
4 water water
#
_entity_poly.entity_id   1
_entity_poly.type   'polypeptide(L)'
_entity_poly.pdbx_seq_one_letter_code
;MGSSHHHHHHSSGLVPRGSHMASMTGGQQMGRGSMNGIRWIASYPKAGNTWLRCMLAAYITGKAPQTWKDMETVSLELEG
MLHLGDMPPTEPTKPVLVKTHLKADVPVLGLYSEATAKVLYLVRNPRDILLSAMRMTAISRDDMESSRTFARDFIANEGL
RMRGRGGGAGLGSWPENVRIWTESSRDRFPNADVLTMRYEDLKGDPVARFSEIVEFLDLGDPVDIEDIRRAVAACTLERM
RELEKRSQQQGQWASMTGGRGGEKHPFVGEGRYDQSLSFLGEDIESAYQELLHGDSEFAHYAKQYGYAG
;
_entity_poly.pdbx_strand_id   A
#
loop_
_chem_comp.id
_chem_comp.type
_chem_comp.name
_chem_comp.formula
GOL non-polymer GLYCEROL 'C3 H8 O3'
NHE non-polymer '2-[N-CYCLOHEXYLAMINO]ETHANE SULFONIC ACID' 'C8 H17 N O3 S'
#
# COMPACT_ATOMS: atom_id res chain seq x y z
N SER A 34 16.71 9.20 -8.36
CA SER A 34 17.62 10.12 -7.67
C SER A 34 18.10 9.52 -6.36
N MET A 35 18.90 10.29 -5.61
CA MET A 35 19.39 9.85 -4.30
C MET A 35 18.69 10.55 -3.16
N ASN A 36 18.73 11.88 -3.15
CA ASN A 36 17.91 12.66 -2.24
C ASN A 36 16.50 12.77 -2.78
N GLY A 37 15.52 12.90 -1.88
CA GLY A 37 14.15 13.09 -2.32
C GLY A 37 13.16 12.12 -1.72
N ILE A 38 11.90 12.29 -2.10
CA ILE A 38 10.82 11.51 -1.52
C ILE A 38 10.68 10.13 -2.14
N ARG A 39 10.57 9.14 -1.28
CA ARG A 39 10.15 7.81 -1.67
C ARG A 39 8.72 7.61 -1.19
N TRP A 40 7.79 7.50 -2.13
CA TRP A 40 6.41 7.19 -1.76
C TRP A 40 6.22 5.69 -1.64
N ILE A 41 5.68 5.26 -0.50
CA ILE A 41 5.16 3.91 -0.38
C ILE A 41 3.65 4.03 -0.55
N ALA A 42 3.18 3.88 -1.78
CA ALA A 42 1.76 4.11 -2.06
C ALA A 42 0.99 2.82 -2.30
N SER A 43 -0.29 2.84 -1.94
CA SER A 43 -1.19 1.71 -2.18
C SER A 43 -2.59 2.06 -1.75
N TYR A 44 -3.55 1.25 -2.19
CA TYR A 44 -4.88 1.30 -1.63
C TYR A 44 -4.78 0.76 -0.21
N PRO A 45 -5.67 1.20 0.67
CA PRO A 45 -5.66 0.71 2.05
C PRO A 45 -5.65 -0.82 2.12
N LYS A 46 -4.92 -1.36 3.10
CA LYS A 46 -4.90 -2.81 3.34
C LYS A 46 -4.20 -3.60 2.23
N ALA A 47 -3.39 -2.94 1.42
CA ALA A 47 -2.74 -3.60 0.30
C ALA A 47 -1.32 -4.06 0.62
N GLY A 48 -1.00 -4.17 1.90
CA GLY A 48 0.32 -4.61 2.34
C GLY A 48 1.23 -3.51 2.83
N ASN A 49 0.82 -2.26 2.63
CA ASN A 49 1.58 -1.07 3.03
C ASN A 49 2.23 -1.14 4.42
N THR A 50 1.42 -1.48 5.43
CA THR A 50 1.88 -1.54 6.81
C THR A 50 2.98 -2.57 7.00
N TRP A 51 2.73 -3.79 6.52
CA TRP A 51 3.68 -4.88 6.63
C TRP A 51 5.03 -4.48 6.03
N LEU A 52 4.97 -3.76 4.93
CA LEU A 52 6.18 -3.27 4.30
C LEU A 52 6.87 -2.23 5.18
N ARG A 53 6.08 -1.38 5.83
CA ARG A 53 6.64 -0.33 6.68
C ARG A 53 7.31 -0.92 7.89
N CYS A 54 6.83 -2.09 8.32
CA CYS A 54 7.47 -2.81 9.41
C CYS A 54 8.82 -3.32 8.95
N MET A 55 8.84 -3.97 7.79
CA MET A 55 10.08 -4.51 7.27
C MET A 55 11.10 -3.42 6.98
N LEU A 56 10.63 -2.27 6.50
CA LEU A 56 11.54 -1.17 6.24
C LEU A 56 12.08 -0.59 7.53
N ALA A 57 11.24 -0.53 8.55
CA ALA A 57 11.68 -0.05 9.85
C ALA A 57 12.76 -0.98 10.43
N ALA A 58 12.50 -2.28 10.37
CA ALA A 58 13.45 -3.25 10.90
C ALA A 58 14.74 -3.30 10.09
N TYR A 59 14.62 -3.28 8.76
CA TYR A 59 15.82 -3.29 7.92
C TYR A 59 16.71 -2.10 8.26
N ILE A 60 16.11 -0.93 8.41
CA ILE A 60 16.88 0.30 8.57
C ILE A 60 17.36 0.54 10.00
N THR A 61 16.46 0.43 10.99
CA THR A 61 16.86 0.71 12.36
C THR A 61 17.76 -0.41 12.89
N GLY A 62 17.49 -1.63 12.47
CA GLY A 62 18.23 -2.78 12.95
C GLY A 62 17.46 -3.55 14.00
N LYS A 63 16.40 -2.93 14.52
CA LYS A 63 15.55 -3.63 15.48
C LYS A 63 14.09 -3.68 15.04
N ALA A 64 13.41 -4.76 15.43
CA ALA A 64 12.00 -4.95 15.12
C ALA A 64 11.15 -3.90 15.82
N PRO A 65 10.24 -3.26 15.06
CA PRO A 65 9.33 -2.26 15.64
C PRO A 65 8.52 -2.89 16.77
N GLN A 66 8.34 -2.16 17.87
CA GLN A 66 7.54 -2.67 18.97
C GLN A 66 6.17 -2.01 18.99
N THR A 67 6.12 -0.76 18.54
CA THR A 67 4.86 -0.04 18.37
C THR A 67 4.84 0.59 17.00
N TRP A 68 3.81 1.37 16.72
CA TRP A 68 3.71 2.08 15.45
C TRP A 68 4.68 3.27 15.43
N LYS A 69 4.82 3.94 16.56
CA LYS A 69 5.77 5.04 16.68
C LYS A 69 7.11 4.61 16.12
N ASP A 70 7.53 3.40 16.44
CA ASP A 70 8.79 2.86 15.92
C ASP A 70 8.88 3.00 14.40
N MET A 71 7.83 2.57 13.71
CA MET A 71 7.83 2.64 12.25
C MET A 71 7.92 4.07 11.75
N GLU A 72 7.37 5.01 12.51
CA GLU A 72 7.35 6.41 12.12
C GLU A 72 8.78 6.94 12.06
N THR A 73 9.66 6.31 12.83
CA THR A 73 11.09 6.58 12.77
C THR A 73 11.60 6.45 11.33
N VAL A 74 11.17 5.41 10.64
CA VAL A 74 11.66 5.10 9.31
C VAL A 74 10.79 5.66 8.19
N SER A 75 9.48 5.58 8.34
CA SER A 75 8.60 6.14 7.31
C SER A 75 7.41 6.90 7.89
N LEU A 76 7.02 7.96 7.20
CA LEU A 76 5.93 8.82 7.64
C LEU A 76 4.61 8.43 7.00
N GLU A 77 3.51 8.82 7.64
CA GLU A 77 2.18 8.67 7.05
C GLU A 77 1.66 10.02 6.64
N LEU A 78 1.53 10.24 5.33
CA LEU A 78 1.09 11.53 4.81
C LEU A 78 -0.22 11.99 5.44
N GLU A 79 -1.21 11.10 5.48
CA GLU A 79 -2.51 11.41 6.05
C GLU A 79 -2.36 11.83 7.52
N GLY A 80 -1.49 11.13 8.24
CA GLY A 80 -1.24 11.45 9.63
C GLY A 80 -0.66 12.84 9.80
N MET A 81 0.38 13.13 9.03
CA MET A 81 1.02 14.43 9.08
C MET A 81 -0.01 15.52 8.81
N LEU A 82 -0.65 15.42 7.65
CA LEU A 82 -1.66 16.38 7.24
C LEU A 82 -2.74 16.56 8.30
N HIS A 83 -3.09 15.47 8.99
CA HIS A 83 -4.10 15.55 10.04
C HIS A 83 -3.68 16.58 11.08
N LEU A 84 -2.38 16.76 11.24
CA LEU A 84 -1.85 17.65 12.25
C LEU A 84 -1.36 18.96 11.66
N GLY A 85 -1.69 19.20 10.39
CA GLY A 85 -1.19 20.38 9.71
C GLY A 85 0.27 20.26 9.39
N ASP A 86 0.81 19.06 9.57
CA ASP A 86 2.19 18.80 9.18
C ASP A 86 2.22 18.25 7.75
N MET A 87 3.41 18.26 7.17
CA MET A 87 3.61 17.77 5.82
C MET A 87 5.07 17.42 5.66
N PRO A 88 5.38 16.51 4.72
CA PRO A 88 6.77 16.17 4.39
C PRO A 88 7.51 17.35 3.74
N PRO A 89 8.84 17.31 3.76
CA PRO A 89 9.69 18.38 3.21
C PRO A 89 9.50 18.51 1.71
N THR A 90 9.17 19.70 1.23
CA THR A 90 9.02 19.92 -0.20
C THR A 90 10.40 20.03 -0.87
N GLU A 91 11.42 20.31 -0.05
CA GLU A 91 12.80 20.33 -0.52
C GLU A 91 13.66 19.55 0.47
N PRO A 92 13.75 18.23 0.26
CA PRO A 92 14.39 17.26 1.17
C PRO A 92 15.89 17.13 0.95
N THR A 93 16.65 17.24 2.04
CA THR A 93 18.11 17.15 1.99
C THR A 93 18.55 15.69 2.12
N LYS A 94 17.58 14.80 2.24
CA LYS A 94 17.87 13.38 2.45
C LYS A 94 16.79 12.54 1.79
N PRO A 95 17.00 11.21 1.72
CA PRO A 95 15.92 10.34 1.27
C PRO A 95 14.83 10.33 2.32
N VAL A 96 13.57 10.37 1.90
CA VAL A 96 12.46 10.40 2.84
C VAL A 96 11.36 9.44 2.42
N LEU A 97 11.03 8.51 3.31
CA LEU A 97 9.98 7.52 3.04
C LEU A 97 8.63 7.97 3.59
N VAL A 98 7.66 8.13 2.69
CA VAL A 98 6.30 8.52 3.08
C VAL A 98 5.27 7.53 2.55
N LYS A 99 4.39 7.08 3.43
CA LYS A 99 3.26 6.26 3.02
C LYS A 99 2.06 7.14 2.70
N THR A 100 1.24 6.71 1.74
CA THR A 100 -0.05 7.35 1.52
C THR A 100 -0.99 6.43 0.75
N HIS A 101 -2.29 6.65 0.91
CA HIS A 101 -3.30 5.90 0.16
C HIS A 101 -4.00 6.81 -0.83
N LEU A 102 -3.71 8.10 -0.77
CA LEU A 102 -4.36 9.07 -1.66
C LEU A 102 -3.99 8.81 -3.13
N LYS A 103 -4.87 9.22 -4.03
CA LYS A 103 -4.56 9.16 -5.45
C LYS A 103 -3.40 10.11 -5.76
N ALA A 104 -2.51 9.69 -6.65
CA ALA A 104 -1.31 10.45 -6.97
C ALA A 104 -1.62 11.84 -7.55
N ASP A 105 -2.86 12.06 -7.96
CA ASP A 105 -3.22 13.32 -8.61
C ASP A 105 -3.84 14.35 -7.67
N VAL A 106 -4.07 13.98 -6.41
CA VAL A 106 -4.62 14.94 -5.46
C VAL A 106 -3.69 16.15 -5.37
N PRO A 107 -4.27 17.35 -5.21
CA PRO A 107 -3.53 18.61 -5.22
C PRO A 107 -2.32 18.63 -4.28
N VAL A 108 -2.41 17.93 -3.14
CA VAL A 108 -1.33 17.97 -2.18
C VAL A 108 -0.06 17.28 -2.69
N LEU A 109 -0.25 16.15 -3.37
CA LEU A 109 0.88 15.43 -3.94
C LEU A 109 1.57 16.27 -5.00
N GLY A 110 0.81 17.17 -5.62
CA GLY A 110 1.36 18.10 -6.58
C GLY A 110 2.58 18.84 -6.05
N LEU A 111 2.56 19.17 -4.77
CA LEU A 111 3.66 19.89 -4.13
C LEU A 111 5.00 19.17 -4.28
N TYR A 112 4.96 17.87 -4.47
CA TYR A 112 6.18 17.07 -4.50
C TYR A 112 6.53 16.55 -5.89
N SER A 113 6.03 17.24 -6.91
CA SER A 113 6.31 16.83 -8.28
C SER A 113 7.81 16.72 -8.53
N GLU A 114 8.55 17.76 -8.15
CA GLU A 114 9.97 17.82 -8.43
C GLU A 114 10.81 17.05 -7.41
N ALA A 115 10.34 17.02 -6.17
CA ALA A 115 11.13 16.45 -5.08
C ALA A 115 11.03 14.93 -4.95
N THR A 116 10.19 14.30 -5.77
CA THR A 116 9.97 12.87 -5.65
C THR A 116 10.99 12.09 -6.47
N ALA A 117 11.66 11.15 -5.82
CA ALA A 117 12.73 10.37 -6.46
C ALA A 117 12.29 8.97 -6.85
N LYS A 118 11.38 8.40 -6.05
CA LYS A 118 10.96 7.02 -6.24
C LYS A 118 9.48 6.87 -5.94
N VAL A 119 8.83 5.98 -6.68
CA VAL A 119 7.47 5.58 -6.38
C VAL A 119 7.37 4.06 -6.29
N LEU A 120 7.04 3.56 -5.10
CA LEU A 120 6.72 2.17 -4.96
C LEU A 120 5.21 2.03 -4.80
N TYR A 121 4.59 1.25 -5.69
CA TYR A 121 3.16 1.02 -5.57
C TYR A 121 2.80 -0.44 -5.34
N LEU A 122 2.06 -0.70 -4.27
CA LEU A 122 1.62 -2.05 -3.94
C LEU A 122 0.19 -2.31 -4.38
N VAL A 123 -0.02 -3.45 -5.03
CA VAL A 123 -1.37 -3.88 -5.41
C VAL A 123 -1.73 -5.11 -4.62
N ARG A 124 -2.98 -5.20 -4.21
CA ARG A 124 -3.48 -6.41 -3.59
C ARG A 124 -4.79 -6.85 -4.22
N ASN A 125 -5.09 -8.15 -4.14
CA ASN A 125 -6.38 -8.66 -4.57
C ASN A 125 -7.51 -7.90 -3.87
N PRO A 126 -8.32 -7.18 -4.66
CA PRO A 126 -9.41 -6.36 -4.13
C PRO A 126 -10.33 -7.14 -3.20
N ARG A 127 -10.60 -8.40 -3.52
CA ARG A 127 -11.43 -9.21 -2.64
C ARG A 127 -10.84 -9.27 -1.24
N ASP A 128 -9.53 -9.51 -1.19
CA ASP A 128 -8.82 -9.58 0.08
C ASP A 128 -8.83 -8.25 0.79
N ILE A 129 -8.88 -7.16 0.03
CA ILE A 129 -8.99 -5.84 0.61
C ILE A 129 -10.36 -5.68 1.25
N LEU A 130 -11.39 -6.06 0.51
CA LEU A 130 -12.76 -6.01 1.00
C LEU A 130 -12.88 -6.73 2.34
N LEU A 131 -12.61 -8.02 2.34
CA LEU A 131 -12.66 -8.82 3.56
C LEU A 131 -11.84 -8.18 4.67
N SER A 132 -10.63 -7.77 4.31
CA SER A 132 -9.71 -7.17 5.27
C SER A 132 -10.36 -5.98 5.97
N ALA A 133 -11.02 -5.13 5.19
CA ALA A 133 -11.61 -3.90 5.71
C ALA A 133 -12.66 -4.14 6.80
N MET A 134 -13.40 -5.25 6.68
CA MET A 134 -14.36 -5.60 7.71
C MET A 134 -13.70 -6.50 8.77
N ARG A 135 -13.09 -5.86 9.76
CA ARG A 135 -12.36 -6.57 10.81
C ARG A 135 -11.58 -5.55 11.64
N ASP A 143 -22.48 -10.41 12.96
CA ASP A 143 -23.23 -9.26 12.47
C ASP A 143 -23.27 -9.25 10.94
N MET A 144 -23.92 -10.25 10.37
CA MET A 144 -24.00 -10.38 8.91
C MET A 144 -24.59 -9.13 8.25
N GLU A 145 -25.72 -8.67 8.77
CA GLU A 145 -26.38 -7.48 8.23
C GLU A 145 -25.39 -6.34 8.02
N SER A 146 -24.58 -6.09 9.04
CA SER A 146 -23.59 -5.02 8.98
C SER A 146 -22.62 -5.21 7.82
N SER A 147 -22.07 -6.42 7.70
CA SER A 147 -21.04 -6.70 6.70
C SER A 147 -21.60 -6.64 5.29
N ARG A 148 -22.65 -7.40 5.04
CA ARG A 148 -23.28 -7.43 3.74
C ARG A 148 -23.44 -6.02 3.16
N THR A 149 -24.07 -5.14 3.93
CA THR A 149 -24.24 -3.75 3.53
C THR A 149 -22.89 -3.17 3.12
N PHE A 150 -21.89 -3.36 3.97
CA PHE A 150 -20.54 -2.92 3.65
C PHE A 150 -20.08 -3.53 2.32
N ALA A 151 -20.15 -4.86 2.24
CA ALA A 151 -19.77 -5.57 1.03
C ALA A 151 -20.49 -4.98 -0.19
N ARG A 152 -21.80 -4.83 -0.07
CA ARG A 152 -22.60 -4.23 -1.13
C ARG A 152 -22.01 -2.88 -1.53
N ASP A 153 -21.84 -2.01 -0.55
CA ASP A 153 -21.24 -0.69 -0.78
C ASP A 153 -19.97 -0.83 -1.62
N PHE A 154 -19.05 -1.65 -1.14
CA PHE A 154 -17.78 -1.85 -1.81
C PHE A 154 -17.99 -2.17 -3.29
N ILE A 155 -18.79 -3.20 -3.54
CA ILE A 155 -19.03 -3.66 -4.91
C ILE A 155 -19.63 -2.56 -5.77
N ALA A 156 -20.56 -1.82 -5.20
CA ALA A 156 -21.25 -0.76 -5.93
C ALA A 156 -20.30 0.40 -6.21
N ASN A 157 -19.26 0.52 -5.40
CA ASN A 157 -18.33 1.63 -5.52
C ASN A 157 -17.01 1.19 -6.14
N GLU A 158 -16.87 -0.10 -6.38
CA GLU A 158 -15.60 -0.65 -6.84
C GLU A 158 -14.50 -0.25 -5.88
N GLY A 159 -14.78 -0.33 -4.59
CA GLY A 159 -13.79 0.04 -3.59
C GLY A 159 -14.36 0.74 -2.38
N LEU A 160 -13.58 1.66 -1.82
CA LEU A 160 -13.92 2.29 -0.55
C LEU A 160 -14.30 3.76 -0.69
N ARG A 161 -15.09 4.24 0.27
CA ARG A 161 -15.63 5.59 0.24
C ARG A 161 -15.30 6.35 1.53
N GLY A 167 -9.18 9.46 2.66
CA GLY A 167 -10.51 8.86 2.67
C GLY A 167 -11.37 9.34 1.52
N GLY A 168 -12.55 8.74 1.39
CA GLY A 168 -13.56 9.19 0.43
C GLY A 168 -13.16 9.31 -1.03
N ALA A 169 -12.86 10.53 -1.44
CA ALA A 169 -12.70 10.85 -2.86
C ALA A 169 -11.25 11.08 -3.32
N GLY A 170 -10.37 11.39 -2.39
CA GLY A 170 -8.95 11.53 -2.68
C GLY A 170 -8.31 10.17 -2.61
N LEU A 171 -9.08 9.20 -2.15
CA LEU A 171 -8.66 7.81 -2.09
C LEU A 171 -8.98 7.12 -3.41
N GLY A 172 -10.09 7.55 -4.02
CA GLY A 172 -10.57 7.00 -5.26
C GLY A 172 -11.04 5.58 -5.07
N SER A 173 -11.69 5.03 -6.09
CA SER A 173 -12.05 3.61 -6.09
C SER A 173 -10.78 2.81 -6.31
N TRP A 174 -10.87 1.50 -6.15
CA TRP A 174 -9.72 0.63 -6.33
C TRP A 174 -9.05 0.79 -7.70
N PRO A 175 -9.82 0.64 -8.80
CA PRO A 175 -9.24 0.73 -10.14
C PRO A 175 -8.67 2.10 -10.39
N GLU A 176 -9.37 3.11 -9.89
CA GLU A 176 -8.94 4.50 -9.96
C GLU A 176 -7.55 4.65 -9.38
N ASN A 177 -7.40 4.19 -8.14
CA ASN A 177 -6.14 4.28 -7.43
C ASN A 177 -5.03 3.53 -8.12
N VAL A 178 -5.32 2.30 -8.54
CA VAL A 178 -4.36 1.48 -9.26
C VAL A 178 -3.93 2.12 -10.58
N ARG A 179 -4.90 2.63 -11.33
CA ARG A 179 -4.62 3.23 -12.62
C ARG A 179 -3.72 4.46 -12.48
N ILE A 180 -4.11 5.38 -11.59
CA ILE A 180 -3.42 6.65 -11.49
C ILE A 180 -1.96 6.44 -11.11
N TRP A 181 -1.73 5.61 -10.08
CA TRP A 181 -0.38 5.36 -9.61
C TRP A 181 0.49 4.58 -10.60
N THR A 182 -0.06 3.51 -11.19
CA THR A 182 0.76 2.66 -12.05
C THR A 182 0.99 3.26 -13.44
N GLU A 183 0.16 4.21 -13.82
CA GLU A 183 0.22 4.74 -15.18
C GLU A 183 0.56 6.22 -15.26
N SER A 184 0.13 6.99 -14.26
CA SER A 184 0.26 8.45 -14.31
C SER A 184 1.42 8.97 -13.45
N SER A 185 2.01 8.09 -12.67
CA SER A 185 3.11 8.47 -11.78
C SER A 185 4.26 9.15 -12.49
N ARG A 186 4.75 8.54 -13.57
CA ARG A 186 5.88 9.11 -14.30
C ARG A 186 5.54 10.49 -14.85
N ASP A 187 4.25 10.77 -14.97
CA ASP A 187 3.79 12.11 -15.37
C ASP A 187 3.84 13.06 -14.19
N ARG A 188 3.26 12.64 -13.07
CA ARG A 188 3.15 13.50 -11.89
C ARG A 188 4.49 13.70 -11.16
N PHE A 189 5.38 12.73 -11.31
CA PHE A 189 6.71 12.82 -10.70
C PHE A 189 7.79 12.51 -11.74
N PRO A 190 8.22 13.55 -12.48
CA PRO A 190 9.04 13.37 -13.69
C PRO A 190 10.51 13.10 -13.37
N ASN A 191 10.86 13.06 -12.09
CA ASN A 191 12.22 12.73 -11.69
C ASN A 191 12.26 11.38 -11.01
N ALA A 192 11.12 10.70 -10.99
CA ALA A 192 10.96 9.50 -10.19
C ALA A 192 11.03 8.21 -11.02
N ASP A 193 11.64 7.19 -10.44
CA ASP A 193 11.54 5.84 -10.94
C ASP A 193 10.33 5.20 -10.27
N VAL A 194 9.66 4.31 -10.99
CA VAL A 194 8.44 3.73 -10.46
C VAL A 194 8.54 2.23 -10.44
N LEU A 195 8.04 1.64 -9.37
CA LEU A 195 8.01 0.20 -9.26
C LEU A 195 6.69 -0.26 -8.65
N THR A 196 6.04 -1.18 -9.33
CA THR A 196 4.76 -1.70 -8.88
C THR A 196 4.95 -3.14 -8.48
N MET A 197 4.37 -3.53 -7.35
CA MET A 197 4.46 -4.91 -6.91
C MET A 197 3.16 -5.40 -6.30
N ARG A 198 2.86 -6.67 -6.53
CA ARG A 198 1.72 -7.30 -5.90
C ARG A 198 2.07 -7.69 -4.48
N TYR A 199 1.20 -7.34 -3.55
CA TYR A 199 1.28 -7.82 -2.18
C TYR A 199 1.52 -9.32 -2.16
N GLU A 200 0.70 -10.05 -2.92
CA GLU A 200 0.81 -11.51 -3.01
C GLU A 200 2.22 -11.99 -3.37
N ASP A 201 2.87 -11.28 -4.28
CA ASP A 201 4.22 -11.66 -4.71
C ASP A 201 5.24 -11.37 -3.61
N LEU A 202 5.08 -10.23 -2.93
CA LEU A 202 5.92 -9.91 -1.80
C LEU A 202 5.80 -11.02 -0.76
N LYS A 203 4.56 -11.45 -0.53
CA LYS A 203 4.23 -12.44 0.46
C LYS A 203 4.80 -13.83 0.12
N GLY A 204 4.87 -14.15 -1.17
CA GLY A 204 5.33 -15.46 -1.61
C GLY A 204 6.83 -15.66 -1.66
N ASP A 205 7.56 -14.55 -1.76
CA ASP A 205 9.02 -14.58 -1.76
C ASP A 205 9.58 -13.31 -1.15
N PRO A 206 9.37 -13.14 0.17
CA PRO A 206 9.65 -11.88 0.89
C PRO A 206 11.11 -11.47 0.78
N VAL A 207 12.02 -12.42 0.99
CA VAL A 207 13.44 -12.12 0.92
C VAL A 207 13.83 -11.59 -0.47
N ALA A 208 13.41 -12.30 -1.52
CA ALA A 208 13.69 -11.86 -2.89
C ALA A 208 13.03 -10.51 -3.21
N ARG A 209 11.73 -10.41 -2.96
CA ARG A 209 10.98 -9.22 -3.30
C ARG A 209 11.39 -8.01 -2.47
N PHE A 210 11.56 -8.19 -1.17
CA PHE A 210 11.91 -7.07 -0.31
C PHE A 210 13.30 -6.54 -0.62
N SER A 211 14.23 -7.42 -0.94
CA SER A 211 15.55 -6.96 -1.37
C SER A 211 15.42 -6.15 -2.66
N GLU A 212 14.55 -6.59 -3.56
CA GLU A 212 14.27 -5.80 -4.75
C GLU A 212 13.74 -4.42 -4.37
N ILE A 213 12.82 -4.39 -3.43
CA ILE A 213 12.23 -3.13 -2.99
C ILE A 213 13.29 -2.23 -2.40
N VAL A 214 14.04 -2.75 -1.43
CA VAL A 214 15.10 -1.99 -0.79
C VAL A 214 16.09 -1.44 -1.81
N GLU A 215 16.47 -2.30 -2.75
CA GLU A 215 17.39 -1.90 -3.81
C GLU A 215 16.76 -0.76 -4.62
N PHE A 216 15.50 -0.94 -5.01
CA PHE A 216 14.81 0.08 -5.81
C PHE A 216 14.80 1.41 -5.10
N LEU A 217 14.49 1.38 -3.81
CA LEU A 217 14.36 2.59 -3.02
C LEU A 217 15.65 3.42 -3.00
N ASP A 218 16.78 2.75 -3.22
CA ASP A 218 18.08 3.41 -3.30
C ASP A 218 18.40 4.24 -2.05
N LEU A 219 18.39 3.57 -0.89
CA LEU A 219 18.58 4.26 0.38
C LEU A 219 20.03 4.65 0.71
N GLY A 220 20.95 4.39 -0.20
CA GLY A 220 22.32 4.84 -0.02
C GLY A 220 23.34 3.75 0.24
N ASP A 221 22.97 2.77 1.04
CA ASP A 221 23.84 1.62 1.29
C ASP A 221 23.46 0.47 0.37
N PRO A 222 24.46 -0.34 -0.03
CA PRO A 222 24.19 -1.54 -0.84
C PRO A 222 23.42 -2.56 -0.01
N VAL A 223 22.51 -3.29 -0.65
CA VAL A 223 21.66 -4.23 0.08
C VAL A 223 22.46 -5.41 0.61
N ASP A 224 22.28 -5.71 1.90
CA ASP A 224 22.84 -6.91 2.49
C ASP A 224 21.74 -7.93 2.77
N ILE A 225 21.83 -9.07 2.09
CA ILE A 225 20.77 -10.08 2.13
C ILE A 225 20.46 -10.56 3.54
N GLU A 226 21.48 -10.69 4.38
CA GLU A 226 21.25 -11.20 5.72
C GLU A 226 20.41 -10.21 6.53
N ASP A 227 20.60 -8.92 6.25
CA ASP A 227 19.76 -7.90 6.85
C ASP A 227 18.32 -8.07 6.37
N ILE A 228 18.18 -8.35 5.07
CA ILE A 228 16.87 -8.59 4.49
C ILE A 228 16.14 -9.68 5.24
N ARG A 229 16.79 -10.83 5.38
CA ARG A 229 16.20 -11.96 6.09
C ARG A 229 15.83 -11.57 7.51
N ARG A 230 16.73 -10.86 8.18
CA ARG A 230 16.44 -10.38 9.54
C ARG A 230 15.17 -9.55 9.51
N ALA A 231 15.05 -8.66 8.54
CA ALA A 231 13.92 -7.73 8.47
C ALA A 231 12.62 -8.47 8.16
N VAL A 232 12.69 -9.49 7.33
CA VAL A 232 11.52 -10.30 7.04
C VAL A 232 11.08 -11.02 8.31
N ALA A 233 12.03 -11.61 9.01
CA ALA A 233 11.76 -12.34 10.24
C ALA A 233 11.21 -11.43 11.33
N ALA A 234 11.58 -10.16 11.30
CA ALA A 234 11.16 -9.20 12.32
C ALA A 234 9.67 -8.88 12.21
N CYS A 235 9.09 -9.18 11.06
CA CYS A 235 7.70 -8.84 10.82
C CYS A 235 6.90 -10.07 10.41
N THR A 236 6.99 -11.11 11.24
CA THR A 236 6.15 -12.29 11.05
C THR A 236 4.71 -11.96 11.41
N LEU A 237 3.82 -12.85 10.99
CA LEU A 237 2.40 -12.74 11.30
C LEU A 237 2.17 -12.51 12.78
N GLU A 238 2.75 -13.36 13.63
CA GLU A 238 2.64 -13.18 15.08
C GLU A 238 3.12 -11.80 15.49
N ARG A 239 4.30 -11.43 15.01
CA ARG A 239 4.85 -10.12 15.27
C ARG A 239 3.89 -9.00 14.86
N MET A 240 3.34 -9.09 13.65
CA MET A 240 2.37 -8.11 13.20
C MET A 240 1.18 -8.12 14.15
N ARG A 241 0.87 -9.28 14.70
CA ARG A 241 -0.24 -9.40 15.63
C ARG A 241 0.08 -8.65 16.90
N GLU A 242 1.27 -8.89 17.45
CA GLU A 242 1.72 -8.19 18.64
C GLU A 242 1.65 -6.69 18.43
N LEU A 243 2.03 -6.24 17.23
CA LEU A 243 1.98 -4.82 16.91
C LEU A 243 0.59 -4.24 17.12
N GLU A 244 -0.41 -4.85 16.49
CA GLU A 244 -1.80 -4.48 16.75
C GLU A 244 -2.03 -4.42 18.24
N LYS A 245 -1.93 -5.59 18.87
CA LYS A 245 -2.14 -5.73 20.31
C LYS A 245 -1.37 -4.66 21.09
N ARG A 246 -0.05 -4.80 21.12
CA ARG A 246 0.82 -3.89 21.87
C ARG A 246 0.56 -2.42 21.56
N SER A 247 -0.24 -2.15 20.53
CA SER A 247 -0.67 -0.80 20.24
C SER A 247 -2.19 -0.67 20.26
N GLN A 248 -2.73 -0.65 21.48
CA GLN A 248 -4.15 -0.50 21.71
C GLN A 248 -4.39 -0.44 23.21
N GLN A 275 -10.60 -16.77 0.71
CA GLN A 275 -11.97 -17.26 0.76
C GLN A 275 -12.81 -16.64 -0.34
N SER A 276 -14.11 -16.93 -0.30
CA SER A 276 -15.08 -16.26 -1.16
C SER A 276 -16.04 -15.48 -0.27
N LEU A 277 -16.87 -14.66 -0.88
CA LEU A 277 -17.80 -13.83 -0.12
C LEU A 277 -19.09 -14.57 0.16
N SER A 278 -19.01 -15.90 0.16
CA SER A 278 -20.19 -16.74 0.34
C SER A 278 -20.84 -16.61 1.71
N PHE A 279 -20.02 -16.49 2.75
CA PHE A 279 -20.55 -16.37 4.10
C PHE A 279 -21.50 -15.17 4.19
N LEU A 280 -21.10 -14.06 3.57
CA LEU A 280 -21.96 -12.89 3.49
C LEU A 280 -23.27 -13.26 2.79
N GLY A 281 -23.19 -14.30 1.97
CA GLY A 281 -24.33 -14.76 1.19
C GLY A 281 -23.92 -14.98 -0.25
N GLU A 282 -24.43 -16.04 -0.85
CA GLU A 282 -24.14 -16.35 -2.25
C GLU A 282 -24.58 -15.19 -3.15
N ASP A 283 -25.61 -14.49 -2.71
CA ASP A 283 -26.11 -13.31 -3.42
C ASP A 283 -25.01 -12.26 -3.53
N ILE A 284 -24.17 -12.21 -2.52
CA ILE A 284 -23.10 -11.22 -2.43
C ILE A 284 -21.87 -11.67 -3.20
N GLU A 285 -21.47 -12.92 -3.01
CA GLU A 285 -20.42 -13.52 -3.81
C GLU A 285 -20.78 -13.31 -5.27
N SER A 286 -22.01 -13.62 -5.61
CA SER A 286 -22.51 -13.45 -6.96
C SER A 286 -22.25 -12.03 -7.47
N ALA A 287 -22.67 -11.04 -6.69
CA ALA A 287 -22.49 -9.64 -7.06
C ALA A 287 -21.02 -9.31 -7.29
N TYR A 288 -20.14 -9.82 -6.44
CA TYR A 288 -18.72 -9.57 -6.60
C TYR A 288 -18.23 -10.18 -7.91
N GLN A 289 -18.58 -11.43 -8.14
CA GLN A 289 -18.18 -12.13 -9.34
C GLN A 289 -18.58 -11.38 -10.60
N GLU A 290 -19.77 -10.77 -10.57
CA GLU A 290 -20.23 -9.98 -11.70
C GLU A 290 -19.29 -8.79 -11.91
N LEU A 291 -19.04 -8.05 -10.84
CA LEU A 291 -18.09 -6.94 -10.89
C LEU A 291 -16.77 -7.43 -11.47
N LEU A 292 -16.24 -8.49 -10.87
CA LEU A 292 -14.92 -9.00 -11.16
C LEU A 292 -14.69 -9.39 -12.63
N HIS A 293 -15.73 -9.90 -13.28
CA HIS A 293 -15.57 -10.36 -14.66
C HIS A 293 -16.34 -9.49 -15.67
N GLY A 294 -16.96 -8.44 -15.16
CA GLY A 294 -17.73 -7.53 -15.98
C GLY A 294 -16.88 -6.65 -16.89
N ASP A 295 -17.45 -5.53 -17.29
CA ASP A 295 -16.83 -4.64 -18.27
C ASP A 295 -16.25 -3.40 -17.61
N SER A 296 -16.26 -3.39 -16.28
CA SER A 296 -15.84 -2.21 -15.52
C SER A 296 -14.32 -2.05 -15.42
N GLU A 297 -13.89 -0.82 -15.16
CA GLU A 297 -12.48 -0.56 -14.92
C GLU A 297 -11.97 -1.50 -13.82
N PHE A 298 -12.77 -1.66 -12.78
CA PHE A 298 -12.45 -2.58 -11.71
C PHE A 298 -12.08 -3.94 -12.28
N ALA A 299 -12.94 -4.45 -13.16
CA ALA A 299 -12.71 -5.74 -13.78
C ALA A 299 -11.46 -5.73 -14.67
N HIS A 300 -11.17 -4.58 -15.26
CA HIS A 300 -10.02 -4.49 -16.14
C HIS A 300 -8.72 -4.68 -15.38
N TYR A 301 -8.57 -3.95 -14.28
CA TYR A 301 -7.32 -4.01 -13.53
C TYR A 301 -7.19 -5.27 -12.68
N ALA A 302 -8.31 -5.81 -12.23
CA ALA A 302 -8.30 -7.08 -11.54
C ALA A 302 -7.67 -8.13 -12.43
N LYS A 303 -8.22 -8.27 -13.63
CA LYS A 303 -7.74 -9.22 -14.62
C LYS A 303 -6.25 -9.02 -14.89
N GLN A 304 -5.85 -7.76 -14.99
CA GLN A 304 -4.48 -7.39 -15.28
C GLN A 304 -3.47 -7.89 -14.24
N TYR A 305 -3.88 -7.91 -12.97
CA TYR A 305 -2.96 -8.34 -11.91
C TYR A 305 -3.24 -9.77 -11.47
N GLY A 306 -3.93 -10.51 -12.34
CA GLY A 306 -4.15 -11.93 -12.14
C GLY A 306 -5.13 -12.24 -11.04
N TYR A 307 -5.97 -11.28 -10.69
CA TYR A 307 -6.94 -11.46 -9.60
C TYR A 307 -8.26 -12.00 -10.13
N ALA A 308 -8.44 -11.92 -11.43
CA ALA A 308 -9.63 -12.44 -12.07
C ALA A 308 -9.24 -13.53 -13.03
N GLY A 309 -10.22 -14.11 -13.72
CA GLY A 309 -9.96 -15.17 -14.67
C GLY A 309 -8.77 -14.94 -15.57
C3' NHE B . 2.02 -10.58 6.36
C2' NHE B . 1.09 -9.51 5.74
C1' NHE B . -0.31 -9.64 6.33
C6' NHE B . -0.24 -9.44 7.85
N NHE B . -1.19 -8.62 5.74
C1 NHE B . -0.79 -7.26 6.08
C2 NHE B . -1.71 -6.31 5.30
S NHE B . -1.36 -4.54 5.64
O1 NHE B . 0.11 -4.30 5.52
O2 NHE B . -1.85 -4.19 7.01
O3 NHE B . -2.05 -3.68 4.64
C5' NHE B . 0.68 -10.50 8.46
C4' NHE B . 2.08 -10.36 7.88
C1 GOL C . 12.47 11.13 8.65
O1 GOL C . 12.69 11.07 10.06
C2 GOL C . 12.14 9.72 8.14
O2 GOL C . 10.98 9.24 8.80
C3 GOL C . 11.89 9.79 6.62
O3 GOL C . 11.58 8.49 6.12
C1 GOL D . -3.82 -9.34 7.20
O1 GOL D . -3.78 -10.72 6.83
C2 GOL D . -4.77 -8.59 6.25
O2 GOL D . -6.06 -9.17 6.35
C3 GOL D . -4.82 -7.12 6.64
O3 GOL D . -5.31 -6.98 7.98
#